data_7MM2
#
_entry.id   7MM2
#
_cell.length_a   54.478
_cell.length_b   58.718
_cell.length_c   59.509
_cell.angle_alpha   90.000
_cell.angle_beta   90.000
_cell.angle_gamma   90.000
#
_symmetry.space_group_name_H-M   'P 21 21 21'
#
loop_
_entity.id
_entity.type
_entity.pdbx_description
1 polymer 'NS3/4a protease'
2 non-polymer '1-methylcyclobutyl [(2R,6S,12Z,13aS,14aR,16aS)-2-[(7-methoxy-3-methylquinoxalin-2-yl)oxy]-14a-{[(1-methylcyclopropyl)sulfonyl]carbamoyl}-5,16-dioxo-1,2,3,5,6,7,8,9,10,11,13a,14,14a,15,16,16a-hexadecahydrocyclopropa[e]pyrrolo[1,2-a][1,4]diazacyclopentadecin-6-yl]carbamate'
3 non-polymer 'ZINC ION'
4 non-polymer 1,2-ETHANEDIOL
5 non-polymer 'SULFATE ION'
6 water water
#
_entity_poly.entity_id   1
_entity_poly.type   'polypeptide(L)'
_entity_poly.pdbx_seq_one_letter_code
;HMASMKKKGSVVIVGRINLSGDTAYAQQTRGEEGCQETSQTGRDKNQVEGEVQIVSTATQTFLATSINGVLWTVYHGAGT
RTIASPKGPVTQMYTNVDKDLVGWQAPQGSRSLTPCTCGSSDLYLVTRHADVIPVRRRGDSRGSLLSPRPISYLKGSSGG
PLLCPAGHAVGIFRAAVSTRGVAKAVDFIPVESLETTMRS
;
_entity_poly.pdbx_strand_id   A
#
loop_
_chem_comp.id
_chem_comp.type
_chem_comp.name
_chem_comp.formula
EDO non-polymer 1,2-ETHANEDIOL 'C2 H6 O2'
OMS non-polymer '1-methylcyclobutyl [(2R,6S,12Z,13aS,14aR,16aS)-2-[(7-methoxy-3-methylquinoxalin-2-yl)oxy]-14a-{[(1-methylcyclopropyl)sulfonyl]carbamoyl}-5,16-dioxo-1,2,3,5,6,7,8,9,10,11,13a,14,14a,15,16,16a-hexadecahydrocyclopropa[e]pyrrolo[1,2-a][1,4]diazacyclopentadecin-6-yl]carbamate' 'C38 H50 N6 O9 S'
SO4 non-polymer 'SULFATE ION' 'O4 S -2'
ZN non-polymer 'ZINC ION' 'Zn 2'
#
# COMPACT_ATOMS: atom_id res chain seq x y z
N MET A 2 -21.20 19.89 -19.59
CA MET A 2 -21.30 19.51 -18.18
C MET A 2 -22.03 18.19 -18.02
N ALA A 3 -22.97 17.92 -18.92
CA ALA A 3 -23.76 16.69 -18.82
C ALA A 3 -22.94 15.47 -19.20
N SER A 4 -21.96 15.63 -20.08
CA SER A 4 -21.17 14.51 -20.56
C SER A 4 -19.88 14.29 -19.77
N MET A 5 -19.74 14.94 -18.61
CA MET A 5 -18.53 14.81 -17.82
C MET A 5 -18.56 13.51 -17.02
N LYS A 6 -17.48 12.74 -17.10
CA LYS A 6 -17.37 11.46 -16.42
C LYS A 6 -16.80 11.63 -15.01
N LYS A 7 -16.96 10.59 -14.20
CA LYS A 7 -16.41 10.54 -12.85
C LYS A 7 -15.40 9.40 -12.79
N LYS A 8 -14.23 9.69 -12.23
CA LYS A 8 -13.22 8.66 -12.08
C LYS A 8 -13.73 7.56 -11.14
N GLY A 9 -13.22 6.36 -11.35
CA GLY A 9 -13.66 5.21 -10.59
C GLY A 9 -13.01 5.16 -9.22
N SER A 10 -13.44 4.16 -8.46
CA SER A 10 -12.89 3.92 -7.13
C SER A 10 -11.65 3.03 -7.22
N VAL A 11 -10.76 3.20 -6.25
CA VAL A 11 -9.76 2.18 -5.97
C VAL A 11 -10.46 0.90 -5.55
N VAL A 12 -9.95 -0.23 -6.03
CA VAL A 12 -10.55 -1.54 -5.79
C VAL A 12 -9.50 -2.48 -5.20
N ILE A 13 -9.86 -3.17 -4.12
CA ILE A 13 -9.03 -4.25 -3.61
C ILE A 13 -9.16 -5.47 -4.52
N VAL A 14 -8.03 -5.94 -5.06
CA VAL A 14 -8.02 -7.08 -5.97
C VAL A 14 -7.25 -8.27 -5.41
N GLY A 15 -6.64 -8.14 -4.23
CA GLY A 15 -5.90 -9.23 -3.65
C GLY A 15 -5.25 -8.81 -2.36
N ARG A 16 -4.34 -9.66 -1.87
CA ARG A 16 -3.64 -9.35 -0.63
C ARG A 16 -2.31 -10.09 -0.62
N ILE A 17 -1.42 -9.61 0.24
CA ILE A 17 -0.19 -10.33 0.54
C ILE A 17 -0.39 -11.06 1.85
N ASN A 18 -0.35 -12.39 1.80
CA ASN A 18 -0.60 -13.19 2.99
C ASN A 18 0.69 -13.29 3.80
N LEU A 19 0.65 -12.80 5.02
CA LEU A 19 1.77 -12.87 5.95
C LEU A 19 1.45 -13.74 7.14
N SER A 20 0.39 -14.53 7.03
CA SER A 20 -0.11 -15.31 8.17
C SER A 20 0.96 -16.23 8.72
N GLY A 21 1.46 -17.16 7.90
CA GLY A 21 2.21 -18.27 8.43
C GLY A 21 3.68 -18.32 8.11
N ASP A 22 4.14 -19.49 7.67
CA ASP A 22 5.57 -19.71 7.43
C ASP A 22 6.06 -18.93 6.21
N THR A 23 5.18 -18.68 5.24
CA THR A 23 5.59 -18.21 3.93
C THR A 23 4.70 -17.05 3.51
N ALA A 24 5.32 -16.02 2.92
CA ALA A 24 4.58 -14.91 2.36
C ALA A 24 4.23 -15.22 0.91
N TYR A 25 2.98 -14.92 0.53
CA TYR A 25 2.56 -15.17 -0.84
C TYR A 25 1.39 -14.28 -1.19
N ALA A 26 1.34 -13.89 -2.45
CA ALA A 26 0.26 -13.07 -2.97
C ALA A 26 -0.96 -13.94 -3.26
N GLN A 27 -2.12 -13.41 -2.94
CA GLN A 27 -3.40 -14.01 -3.30
C GLN A 27 -4.21 -13.01 -4.09
N GLN A 28 -4.79 -13.44 -5.19
CA GLN A 28 -5.72 -12.58 -5.92
C GLN A 28 -7.14 -12.91 -5.50
N THR A 29 -7.94 -11.88 -5.27
CA THR A 29 -9.33 -12.06 -4.88
C THR A 29 -10.33 -11.56 -5.93
N ARG A 30 -9.87 -10.82 -6.93
CA ARG A 30 -10.77 -10.34 -7.98
C ARG A 30 -9.99 -10.17 -9.27
N GLY A 31 -10.58 -10.67 -10.39
CA GLY A 31 -9.98 -10.54 -11.69
C GLY A 31 -10.31 -9.20 -12.34
N GLU A 32 -9.68 -8.98 -13.51
CA GLU A 32 -9.68 -7.66 -14.12
C GLU A 32 -11.10 -7.19 -14.47
N GLU A 33 -11.94 -8.09 -14.99
CA GLU A 33 -13.29 -7.69 -15.37
C GLU A 33 -14.09 -7.24 -14.15
N GLY A 34 -14.05 -8.03 -13.08
CA GLY A 34 -14.72 -7.62 -11.86
C GLY A 34 -14.13 -6.37 -11.26
N CYS A 35 -12.81 -6.18 -11.40
CA CYS A 35 -12.18 -4.96 -10.94
C CYS A 35 -12.74 -3.74 -11.67
N GLN A 36 -12.75 -3.78 -13.00
CA GLN A 36 -13.25 -2.64 -13.75
C GLN A 36 -14.68 -2.31 -13.38
N GLU A 37 -15.52 -3.33 -13.22
CA GLU A 37 -16.91 -3.09 -12.84
C GLU A 37 -17.02 -2.51 -11.43
N THR A 38 -16.25 -3.05 -10.49
CA THR A 38 -16.31 -2.55 -9.12
C THR A 38 -15.76 -1.13 -9.03
N SER A 39 -14.79 -0.79 -9.88
CA SER A 39 -14.27 0.56 -9.89
C SER A 39 -15.33 1.57 -10.34
N GLN A 40 -16.23 1.16 -11.25
CA GLN A 40 -17.25 2.06 -11.73
C GLN A 40 -18.41 2.19 -10.74
N THR A 41 -18.84 1.07 -10.16
CA THR A 41 -19.94 1.12 -9.20
C THR A 41 -19.48 1.57 -7.82
N GLY A 42 -18.22 1.27 -7.46
CA GLY A 42 -17.77 1.50 -6.11
C GLY A 42 -18.33 0.54 -5.09
N ARG A 43 -18.99 -0.53 -5.52
CA ARG A 43 -19.61 -1.50 -4.63
C ARG A 43 -18.80 -2.79 -4.68
N ASP A 44 -18.11 -3.10 -3.59
CA ASP A 44 -17.28 -4.29 -3.47
C ASP A 44 -17.79 -5.09 -2.28
N LYS A 45 -18.35 -6.27 -2.54
CA LYS A 45 -18.89 -7.12 -1.50
C LYS A 45 -17.95 -8.27 -1.13
N ASN A 46 -16.75 -8.31 -1.69
CA ASN A 46 -15.79 -9.35 -1.34
C ASN A 46 -15.32 -9.15 0.09
N GLN A 47 -15.17 -10.25 0.82
CA GLN A 47 -14.57 -10.21 2.14
C GLN A 47 -13.11 -9.78 2.04
N VAL A 48 -12.68 -8.94 2.96
CA VAL A 48 -11.31 -8.45 3.03
C VAL A 48 -10.63 -9.13 4.20
N GLU A 49 -9.39 -9.55 4.01
CA GLU A 49 -8.59 -10.10 5.09
C GLU A 49 -7.17 -9.55 5.00
N GLY A 50 -6.47 -9.57 6.14
CA GLY A 50 -5.05 -9.32 6.14
C GLY A 50 -4.70 -7.85 6.29
N GLU A 51 -3.39 -7.61 6.28
CA GLU A 51 -2.81 -6.30 6.54
C GLU A 51 -2.46 -5.55 5.26
N VAL A 52 -1.93 -6.25 4.26
CA VAL A 52 -1.46 -5.63 3.02
C VAL A 52 -2.39 -6.03 1.89
N GLN A 53 -3.06 -5.05 1.31
CA GLN A 53 -3.98 -5.26 0.20
C GLN A 53 -3.30 -4.87 -1.10
N ILE A 54 -3.59 -5.64 -2.15
CA ILE A 54 -3.28 -5.25 -3.51
C ILE A 54 -4.48 -4.49 -4.06
N VAL A 55 -4.25 -3.28 -4.56
CA VAL A 55 -5.34 -2.42 -5.02
C VAL A 55 -5.10 -2.03 -6.47
N SER A 56 -6.18 -1.64 -7.13
N SER A 56 -6.18 -1.64 -7.13
CA SER A 56 -6.06 -1.24 -8.52
CA SER A 56 -6.09 -1.26 -8.53
C SER A 56 -7.10 -0.18 -8.85
C SER A 56 -7.10 -0.17 -8.83
N THR A 57 -6.73 0.70 -9.77
CA THR A 57 -7.66 1.61 -10.43
C THR A 57 -7.87 1.04 -11.84
N ALA A 58 -8.53 1.82 -12.69
CA ALA A 58 -8.65 1.42 -14.08
C ALA A 58 -7.29 1.32 -14.76
N THR A 59 -6.31 2.10 -14.30
CA THR A 59 -5.07 2.29 -15.02
C THR A 59 -3.81 1.91 -14.25
N GLN A 60 -3.88 1.74 -12.93
CA GLN A 60 -2.69 1.49 -12.14
C GLN A 60 -2.98 0.43 -11.08
N THR A 61 -1.94 -0.27 -10.66
CA THR A 61 -2.04 -1.20 -9.54
C THR A 61 -0.87 -0.98 -8.61
N PHE A 62 -1.13 -1.13 -7.32
CA PHE A 62 -0.17 -0.81 -6.26
C PHE A 62 -0.68 -1.49 -4.99
N LEU A 63 -0.14 -1.08 -3.84
CA LEU A 63 -0.46 -1.70 -2.56
C LEU A 63 -1.11 -0.68 -1.61
N ALA A 64 -1.77 -1.21 -0.59
CA ALA A 64 -2.32 -0.41 0.50
C ALA A 64 -2.21 -1.20 1.78
N THR A 65 -1.83 -0.51 2.87
CA THR A 65 -1.46 -1.16 4.12
C THR A 65 -2.28 -0.58 5.27
N SER A 66 -2.87 -1.47 6.08
CA SER A 66 -3.65 -1.06 7.25
C SER A 66 -2.71 -0.92 8.45
N ILE A 67 -2.69 0.28 9.03
CA ILE A 67 -1.95 0.58 10.25
C ILE A 67 -2.88 1.37 11.15
N ASN A 68 -3.11 0.89 12.38
CA ASN A 68 -3.92 1.63 13.35
C ASN A 68 -5.30 1.96 12.80
N GLY A 69 -5.92 1.01 12.11
CA GLY A 69 -7.28 1.20 11.66
C GLY A 69 -7.45 2.10 10.47
N VAL A 70 -6.38 2.44 9.77
CA VAL A 70 -6.43 3.20 8.52
C VAL A 70 -5.74 2.39 7.42
N LEU A 71 -6.40 2.28 6.27
CA LEU A 71 -5.80 1.70 5.08
C LEU A 71 -5.06 2.81 4.34
N TRP A 72 -3.74 2.73 4.33
CA TRP A 72 -2.87 3.76 3.79
C TRP A 72 -2.33 3.37 2.42
N THR A 73 -2.17 4.36 1.54
CA THR A 73 -1.50 4.15 0.26
C THR A 73 -0.97 5.50 -0.23
N VAL A 74 -0.48 5.52 -1.47
CA VAL A 74 0.21 6.69 -2.02
C VAL A 74 -0.75 7.52 -2.87
N TYR A 75 -0.58 8.84 -2.79
CA TYR A 75 -1.36 9.74 -3.63
C TYR A 75 -1.06 9.54 -5.12
N HIS A 76 0.18 9.20 -5.47
CA HIS A 76 0.49 9.03 -6.88
C HIS A 76 -0.15 7.78 -7.46
N GLY A 77 -0.70 6.90 -6.63
CA GLY A 77 -1.51 5.80 -7.09
C GLY A 77 -3.00 6.09 -7.03
N ALA A 78 -3.47 6.53 -5.86
CA ALA A 78 -4.90 6.68 -5.62
C ALA A 78 -5.45 8.04 -6.03
N GLY A 79 -4.60 9.05 -6.15
CA GLY A 79 -5.12 10.40 -6.26
C GLY A 79 -6.07 10.70 -5.13
N THR A 80 -7.17 11.38 -5.45
CA THR A 80 -8.21 11.69 -4.47
C THR A 80 -9.37 10.69 -4.53
N ARG A 81 -9.15 9.52 -5.10
CA ARG A 81 -10.24 8.62 -5.40
C ARG A 81 -10.86 8.03 -4.14
N THR A 82 -12.15 7.73 -4.24
CA THR A 82 -12.82 6.87 -3.26
C THR A 82 -12.31 5.43 -3.40
N ILE A 83 -12.59 4.62 -2.38
CA ILE A 83 -12.32 3.19 -2.40
C ILE A 83 -13.66 2.45 -2.41
N ALA A 84 -13.73 1.37 -3.19
CA ALA A 84 -14.95 0.57 -3.24
C ALA A 84 -15.17 -0.15 -1.92
N SER A 85 -16.43 -0.28 -1.52
CA SER A 85 -16.77 -0.93 -0.26
C SER A 85 -18.13 -1.58 -0.41
N PRO A 86 -18.54 -2.41 0.55
CA PRO A 86 -19.82 -3.11 0.41
C PRO A 86 -21.02 -2.18 0.34
N LYS A 87 -20.93 -0.97 0.87
CA LYS A 87 -22.03 -0.01 0.87
C LYS A 87 -21.83 1.10 -0.16
N GLY A 88 -20.82 1.00 -1.02
CA GLY A 88 -20.56 2.02 -2.00
C GLY A 88 -19.21 2.69 -1.80
N PRO A 89 -18.92 3.68 -2.63
CA PRO A 89 -17.62 4.37 -2.53
C PRO A 89 -17.45 5.07 -1.19
N VAL A 90 -16.23 4.97 -0.66
CA VAL A 90 -15.88 5.56 0.61
C VAL A 90 -14.85 6.66 0.36
N THR A 91 -15.14 7.86 0.85
CA THR A 91 -14.28 9.01 0.66
C THR A 91 -13.02 8.92 1.53
N GLN A 92 -11.92 9.46 1.00
CA GLN A 92 -10.68 9.47 1.76
C GLN A 92 -10.86 10.19 3.08
N MET A 93 -10.32 9.60 4.13
CA MET A 93 -10.24 10.17 5.47
C MET A 93 -8.98 11.01 5.65
N TYR A 94 -7.93 10.72 4.88
CA TYR A 94 -6.70 11.48 4.90
C TYR A 94 -6.23 11.67 3.46
N THR A 95 -5.76 12.89 3.16
CA THR A 95 -5.16 13.21 1.87
C THR A 95 -4.04 14.20 2.13
N ASN A 96 -2.80 13.84 1.75
CA ASN A 96 -1.66 14.75 1.91
C ASN A 96 -0.72 14.59 0.74
N VAL A 97 -0.88 15.46 -0.26
CA VAL A 97 -0.08 15.41 -1.47
C VAL A 97 1.37 15.72 -1.16
N ASP A 98 1.61 16.52 -0.11
CA ASP A 98 2.99 16.86 0.27
C ASP A 98 3.74 15.65 0.79
N LYS A 99 3.03 14.65 1.29
CA LYS A 99 3.63 13.39 1.74
C LYS A 99 3.41 12.24 0.77
N ASP A 100 2.74 12.48 -0.35
CA ASP A 100 2.35 11.41 -1.27
C ASP A 100 1.52 10.36 -0.56
N LEU A 101 0.59 10.81 0.29
CA LEU A 101 -0.09 9.95 1.24
C LEU A 101 -1.60 10.15 1.18
N VAL A 102 -2.33 9.04 1.18
CA VAL A 102 -3.78 9.06 1.38
C VAL A 102 -4.15 7.88 2.27
N GLY A 103 -5.36 7.96 2.83
CA GLY A 103 -5.85 6.90 3.68
C GLY A 103 -7.36 6.88 3.74
N TRP A 104 -7.90 5.69 3.91
CA TRP A 104 -9.31 5.47 4.20
C TRP A 104 -9.43 4.67 5.48
N GLN A 105 -10.62 4.72 6.10
CA GLN A 105 -10.92 3.80 7.17
C GLN A 105 -10.59 2.37 6.74
N ALA A 106 -9.97 1.61 7.63
CA ALA A 106 -9.59 0.25 7.29
C ALA A 106 -10.85 -0.60 7.07
N PRO A 107 -10.86 -1.44 6.04
CA PRO A 107 -12.09 -2.20 5.74
C PRO A 107 -12.40 -3.23 6.82
N GLN A 108 -13.69 -3.44 7.02
CA GLN A 108 -14.14 -4.49 7.93
C GLN A 108 -13.53 -5.83 7.53
N GLY A 109 -12.89 -6.49 8.48
CA GLY A 109 -12.25 -7.76 8.25
C GLY A 109 -10.75 -7.68 8.08
N SER A 110 -10.23 -6.51 7.73
CA SER A 110 -8.78 -6.33 7.67
C SER A 110 -8.18 -6.42 9.07
N ARG A 111 -6.89 -6.69 9.12
CA ARG A 111 -6.10 -6.58 10.32
C ARG A 111 -5.13 -5.42 10.15
N SER A 112 -4.89 -4.70 11.23
CA SER A 112 -4.01 -3.53 11.20
C SER A 112 -2.66 -3.89 11.76
N LEU A 113 -1.60 -3.41 11.11
CA LEU A 113 -0.29 -3.44 11.71
C LEU A 113 -0.19 -2.42 12.83
N THR A 114 0.64 -2.73 13.82
CA THR A 114 0.93 -1.85 14.95
C THR A 114 2.09 -0.92 14.60
N PRO A 115 1.99 0.38 14.91
CA PRO A 115 3.13 1.27 14.62
C PRO A 115 4.34 0.88 15.47
N CYS A 116 5.50 0.89 14.84
CA CYS A 116 6.71 0.43 15.49
C CYS A 116 7.23 1.49 16.47
N THR A 117 7.61 1.03 17.66
CA THR A 117 8.27 1.88 18.63
C THR A 117 9.64 1.32 19.01
N CYS A 118 10.18 0.40 18.19
CA CYS A 118 11.41 -0.32 18.52
C CYS A 118 12.66 0.51 18.29
N GLY A 119 12.59 1.50 17.39
CA GLY A 119 13.78 2.23 17.02
C GLY A 119 14.82 1.41 16.31
N SER A 120 14.42 0.33 15.66
CA SER A 120 15.35 -0.53 14.94
C SER A 120 15.56 -0.03 13.52
N SER A 121 16.78 -0.24 13.01
CA SER A 121 17.14 0.13 11.65
C SER A 121 17.21 -1.09 10.70
N ASP A 122 16.87 -2.27 11.19
CA ASP A 122 16.85 -3.49 10.37
C ASP A 122 15.41 -3.71 9.94
N LEU A 123 15.12 -3.31 8.71
CA LEU A 123 13.75 -3.29 8.19
C LEU A 123 13.57 -4.35 7.10
N TYR A 124 12.31 -4.52 6.72
CA TYR A 124 11.89 -5.48 5.71
C TYR A 124 10.79 -4.84 4.87
N LEU A 125 11.01 -4.78 3.56
CA LEU A 125 10.01 -4.26 2.63
C LEU A 125 9.25 -5.43 2.00
N VAL A 126 7.92 -5.33 2.03
CA VAL A 126 7.04 -6.36 1.48
C VAL A 126 6.52 -5.86 0.15
N THR A 127 6.77 -6.61 -0.91
CA THR A 127 6.38 -6.23 -2.26
C THR A 127 5.06 -6.90 -2.65
N ARG A 128 4.54 -6.45 -3.80
CA ARG A 128 3.30 -7.01 -4.32
C ARG A 128 3.46 -8.44 -4.78
N HIS A 129 4.69 -8.90 -4.99
CA HIS A 129 4.97 -10.30 -5.32
C HIS A 129 5.34 -11.10 -4.09
N ALA A 130 5.08 -10.56 -2.91
CA ALA A 130 5.31 -11.22 -1.63
C ALA A 130 6.79 -11.48 -1.38
N ASP A 131 7.67 -10.74 -2.05
CA ASP A 131 9.07 -10.71 -1.63
C ASP A 131 9.19 -9.92 -0.34
N VAL A 132 10.02 -10.42 0.58
CA VAL A 132 10.32 -9.74 1.84
C VAL A 132 11.78 -9.33 1.75
N ILE A 133 12.02 -8.05 1.49
CA ILE A 133 13.33 -7.56 1.07
C ILE A 133 13.99 -6.87 2.26
N PRO A 134 15.13 -7.36 2.75
CA PRO A 134 15.83 -6.65 3.84
C PRO A 134 16.32 -5.28 3.39
N VAL A 135 16.08 -4.29 4.26
CA VAL A 135 16.40 -2.89 4.02
C VAL A 135 17.01 -2.34 5.30
N ARG A 136 18.17 -1.71 5.19
CA ARG A 136 18.80 -1.04 6.32
C ARG A 136 18.33 0.41 6.35
N ARG A 137 17.74 0.83 7.46
CA ARG A 137 17.28 2.21 7.55
C ARG A 137 18.48 3.15 7.52
N ARG A 138 18.37 4.22 6.72
CA ARG A 138 19.47 5.16 6.52
C ARG A 138 19.10 6.59 6.88
N GLY A 139 17.84 6.87 7.15
CA GLY A 139 17.41 8.18 7.56
C GLY A 139 15.97 8.11 8.00
N ASP A 140 15.37 9.29 8.17
CA ASP A 140 13.97 9.31 8.59
C ASP A 140 13.07 8.67 7.54
N SER A 141 13.40 8.84 6.26
CA SER A 141 12.53 8.35 5.20
C SER A 141 13.28 7.53 4.15
N ARG A 142 14.48 7.02 4.49
CA ARG A 142 15.31 6.34 3.52
C ARG A 142 15.86 5.04 4.10
N GLY A 143 16.03 4.06 3.22
CA GLY A 143 16.68 2.80 3.56
C GLY A 143 17.32 2.21 2.33
N SER A 144 18.42 1.49 2.54
CA SER A 144 19.18 0.90 1.45
C SER A 144 18.87 -0.59 1.35
N LEU A 145 18.73 -1.07 0.11
CA LEU A 145 18.53 -2.50 -0.10
C LEU A 145 19.83 -3.24 0.22
N LEU A 146 19.73 -4.31 1.00
CA LEU A 146 20.93 -5.10 1.24
C LEU A 146 21.38 -5.82 -0.03
N SER A 147 20.42 -6.21 -0.87
CA SER A 147 20.69 -6.83 -2.17
C SER A 147 19.98 -5.99 -3.22
N PRO A 148 20.68 -5.04 -3.84
CA PRO A 148 20.06 -4.25 -4.91
C PRO A 148 19.48 -5.13 -6.02
N ARG A 149 18.52 -4.59 -6.77
CA ARG A 149 17.93 -5.32 -7.88
C ARG A 149 17.23 -4.34 -8.80
N PRO A 150 16.93 -4.74 -10.03
CA PRO A 150 16.29 -3.81 -10.97
C PRO A 150 15.01 -3.23 -10.39
N ILE A 151 14.75 -1.96 -10.71
CA ILE A 151 13.57 -1.30 -10.18
C ILE A 151 12.29 -2.02 -10.60
N SER A 152 12.35 -2.79 -11.69
CA SER A 152 11.19 -3.55 -12.14
C SER A 152 10.60 -4.38 -11.02
N TYR A 153 11.44 -4.91 -10.14
CA TYR A 153 10.95 -5.77 -9.06
C TYR A 153 10.20 -4.99 -7.99
N LEU A 154 10.41 -3.68 -7.90
CA LEU A 154 9.71 -2.86 -6.92
C LEU A 154 8.50 -2.12 -7.49
N LYS A 155 8.43 -1.98 -8.82
CA LYS A 155 7.31 -1.28 -9.44
C LYS A 155 6.00 -1.95 -9.06
N GLY A 156 5.03 -1.12 -8.67
CA GLY A 156 3.75 -1.63 -8.23
C GLY A 156 3.66 -1.96 -6.75
N SER A 157 4.71 -1.68 -5.97
CA SER A 157 4.70 -1.97 -4.54
C SER A 157 4.60 -0.73 -3.67
N SER A 158 4.53 0.46 -4.24
CA SER A 158 4.23 1.64 -3.43
C SER A 158 2.96 1.39 -2.64
N GLY A 159 2.90 1.93 -1.43
CA GLY A 159 1.84 1.61 -0.49
C GLY A 159 2.10 0.40 0.37
N GLY A 160 3.11 -0.40 0.05
CA GLY A 160 3.47 -1.54 0.86
C GLY A 160 4.23 -1.12 2.10
N PRO A 161 4.30 -2.02 3.08
CA PRO A 161 4.94 -1.67 4.35
C PRO A 161 6.43 -1.95 4.39
N LEU A 162 7.12 -1.14 5.16
CA LEU A 162 8.41 -1.48 5.75
C LEU A 162 8.15 -1.90 7.19
N LEU A 163 8.62 -3.10 7.53
CA LEU A 163 8.40 -3.69 8.84
C LEU A 163 9.71 -3.77 9.62
N CYS A 164 9.59 -3.70 10.94
CA CYS A 164 10.71 -3.97 11.84
C CYS A 164 10.84 -5.47 12.06
N PRO A 165 11.90 -5.90 12.77
CA PRO A 165 12.05 -7.34 13.02
C PRO A 165 10.85 -7.94 13.74
N ALA A 166 10.14 -7.16 14.55
CA ALA A 166 8.99 -7.65 15.29
C ALA A 166 7.69 -7.61 14.48
N GLY A 167 7.73 -7.16 13.23
CA GLY A 167 6.51 -7.10 12.44
C GLY A 167 5.68 -5.86 12.63
N HIS A 168 6.20 -4.83 13.29
CA HIS A 168 5.51 -3.56 13.39
C HIS A 168 5.72 -2.76 12.10
N ALA A 169 4.81 -1.82 11.85
CA ALA A 169 4.93 -0.95 10.68
C ALA A 169 5.90 0.19 10.98
N VAL A 170 6.90 0.34 10.12
CA VAL A 170 7.86 1.42 10.24
C VAL A 170 7.59 2.51 9.20
N GLY A 171 6.98 2.14 8.07
CA GLY A 171 6.72 3.12 7.05
C GLY A 171 5.97 2.54 5.88
N ILE A 172 5.59 3.42 4.96
CA ILE A 172 4.88 3.09 3.72
C ILE A 172 5.81 3.38 2.54
N PHE A 173 6.04 2.36 1.71
CA PHE A 173 6.90 2.47 0.54
C PHE A 173 6.38 3.52 -0.43
N ARG A 174 7.23 4.49 -0.77
CA ARG A 174 6.82 5.62 -1.60
C ARG A 174 7.58 5.71 -2.92
N ALA A 175 8.90 5.59 -2.90
CA ALA A 175 9.67 5.75 -4.12
C ALA A 175 10.97 4.95 -4.05
N ALA A 176 11.53 4.67 -5.22
CA ALA A 176 12.77 3.90 -5.34
C ALA A 176 13.86 4.76 -5.91
N VAL A 177 15.05 4.65 -5.33
CA VAL A 177 16.25 5.38 -5.75
C VAL A 177 17.10 4.42 -6.55
N SER A 178 17.42 4.79 -7.79
CA SER A 178 18.01 3.88 -8.75
C SER A 178 19.25 4.49 -9.40
N THR A 179 20.19 3.62 -9.75
CA THR A 179 21.32 3.98 -10.60
C THR A 179 21.39 2.95 -11.72
N ARG A 180 21.29 3.42 -12.96
CA ARG A 180 21.32 2.53 -14.11
C ARG A 180 20.25 1.45 -13.99
N GLY A 181 19.06 1.86 -13.55
CA GLY A 181 17.93 0.97 -13.40
C GLY A 181 17.97 0.03 -12.23
N VAL A 182 19.03 0.07 -11.40
CA VAL A 182 19.15 -0.82 -10.25
C VAL A 182 18.73 -0.05 -9.02
N ALA A 183 17.76 -0.60 -8.28
CA ALA A 183 17.30 0.02 -7.04
C ALA A 183 18.35 -0.20 -5.95
N LYS A 184 18.98 0.88 -5.49
CA LYS A 184 19.89 0.79 -4.37
C LYS A 184 19.27 1.21 -3.05
N ALA A 185 18.25 2.07 -3.09
CA ALA A 185 17.63 2.56 -1.86
C ALA A 185 16.15 2.79 -2.09
N VAL A 186 15.41 2.94 -1.00
CA VAL A 186 13.99 3.24 -1.04
C VAL A 186 13.69 4.45 -0.18
N ASP A 187 12.64 5.16 -0.58
CA ASP A 187 12.10 6.31 0.11
C ASP A 187 10.73 5.91 0.63
N PHE A 188 10.42 6.23 1.88
CA PHE A 188 9.17 5.77 2.48
C PHE A 188 8.63 6.83 3.42
N ILE A 189 7.32 6.77 3.62
CA ILE A 189 6.60 7.65 4.55
C ILE A 189 6.76 7.03 5.94
N PRO A 190 7.42 7.68 6.88
CA PRO A 190 7.59 7.07 8.21
C PRO A 190 6.26 6.96 8.94
N VAL A 191 6.14 5.90 9.75
CA VAL A 191 4.90 5.68 10.48
C VAL A 191 4.58 6.88 11.37
N GLU A 192 5.61 7.58 11.87
CA GLU A 192 5.37 8.75 12.71
C GLU A 192 4.67 9.86 11.95
N SER A 193 4.94 9.96 10.64
CA SER A 193 4.23 10.94 9.81
C SER A 193 2.78 10.56 9.64
N LEU A 194 2.49 9.25 9.57
CA LEU A 194 1.11 8.78 9.61
C LEU A 194 0.48 9.09 10.96
N GLU A 195 1.19 8.77 12.05
CA GLU A 195 0.63 8.98 13.38
C GLU A 195 0.35 10.44 13.65
N THR A 196 1.18 11.34 13.10
CA THR A 196 0.91 12.77 13.21
C THR A 196 -0.28 13.17 12.37
N THR A 197 -0.40 12.60 11.17
CA THR A 197 -1.52 12.93 10.30
C THR A 197 -2.85 12.59 10.99
N MET A 198 -2.89 11.50 11.74
CA MET A 198 -4.11 11.14 12.46
C MET A 198 -4.34 12.05 13.67
C10 OMS B . 9.70 6.83 -7.96
C17 OMS B . 13.08 10.18 -5.38
C21 OMS B . 6.50 10.61 -6.42
C24 OMS B . 4.69 12.42 -5.01
C26 OMS B . 6.86 11.11 -5.01
C28 OMS B . 2.11 13.30 -6.40
C01 OMS B . 7.04 7.05 -7.48
C02 OMS B . 6.00 8.06 -8.16
C03 OMS B . 6.78 9.13 -8.28
C04 OMS B . 8.11 8.54 -9.00
C06 OMS B . 7.02 5.66 -7.77
C09 OMS B . 6.97 3.36 -6.48
C11 OMS B . 10.93 7.31 -8.75
C14 OMS B . 11.99 8.86 -7.10
C18 OMS B . 11.41 6.16 -9.65
C19 OMS B . 10.29 5.71 -10.64
C23 OMS B . 4.36 11.92 -6.38
C27 OMS B . 3.07 12.34 -7.10
C29 OMS B . 2.42 13.82 -4.99
C30 OMS B . 3.70 13.39 -4.28
C32 OMS B . 0.75 13.14 -8.33
C33 OMS B . 8.15 10.67 -4.32
C34 OMS B . 5.89 2.53 -7.19
C40 OMS B . 2.45 3.40 -9.30
C41 OMS B . 1.05 2.83 -9.55
C42 OMS B . 1.30 3.78 -8.37
C43 OMS B . 2.96 4.48 -10.26
C44 OMS B . 8.32 2.82 -6.99
C45 OMS B . 8.84 1.60 -7.81
C46 OMS B . 9.71 1.71 -8.83
C47 OMS B . 10.30 3.07 -9.28
C48 OMS B . 10.06 3.18 -10.79
C49 OMS B . 7.82 2.49 -5.57
C50 OMS B . 10.79 4.42 -11.37
C51 OMS B . 13.71 11.22 -6.20
C52 OMS B . 11.82 10.62 -4.68
C53 OMS B . 12.59 10.72 -3.38
C54 OMS B . 13.76 10.01 -4.04
N05 OMS B . 8.38 7.50 -8.16
N08 OMS B . 6.88 4.83 -6.56
N13 OMS B . 12.02 7.63 -7.89
N22 OMS B . 5.28 11.00 -7.07
N25 OMS B . 5.95 12.02 -4.34
N35 OMS B . 4.82 3.25 -7.84
O07 OMS B . 7.23 5.18 -8.83
O12 OMS B . 9.80 5.90 -7.21
O15 OMS B . 12.96 8.93 -6.06
O16 OMS B . 11.22 9.73 -7.33
O20 OMS B . 7.37 9.71 -7.09
O31 OMS B . 0.93 13.67 -7.04
O36 OMS B . 5.89 1.36 -7.20
O38 OMS B . 3.03 1.33 -7.62
O39 OMS B . 4.23 1.42 -9.63
S37 OMS B . 3.64 2.24 -8.57
H011 OMS B . 6.89 7.17 -6.53
H022 OMS B . 5.24 8.24 -7.57
H021 OMS B . 5.69 7.74 -9.01
H031 OMS B . 6.20 9.77 -8.74
H042 OMS B . 8.83 9.19 -9.00
H041 OMS B . 7.92 8.23 -9.89
H111 OMS B . 10.66 8.10 -9.26
H181 OMS B . 11.66 5.41 -9.10
H182 OMS B . 12.18 6.46 -10.16
H191 OMS B . 10.12 6.41 -11.29
H192 OMS B . 9.48 5.51 -10.15
H271 OMS B . 2.88 12.02 -7.96
H291 OMS B . 1.83 14.40 -4.57
H301 OMS B . 3.90 13.71 -3.42
H322 OMS B . -0.06 13.49 -8.73
H323 OMS B . 1.51 13.37 -8.89
H321 OMS B . 0.68 12.16 -8.27
H332 OMS B . 8.30 11.21 -3.53
H333 OMS B . 8.91 10.77 -4.93
H331 OMS B . 8.08 9.73 -4.06
H411 OMS B . 0.57 3.21 -10.29
H412 OMS B . 0.92 1.90 -9.31
H422 OMS B . 0.95 4.68 -8.47
H421 OMS B . 1.31 3.36 -7.49
H432 OMS B . 3.93 4.55 -10.19
H433 OMS B . 2.56 5.33 -10.03
H431 OMS B . 2.72 4.24 -11.17
H441 OMS B . 8.92 3.58 -7.08
H451 OMS B . 8.51 0.76 -7.59
H461 OMS B . 9.97 0.94 -9.27
H471 OMS B . 11.25 3.09 -9.09
H472 OMS B . 9.87 3.80 -8.80
H481 OMS B . 9.10 3.26 -10.95
H482 OMS B . 10.39 2.38 -11.23
H491 OMS B . 8.27 2.95 -4.85
H492 OMS B . 7.50 1.59 -5.45
H501 OMS B . 10.59 4.50 -12.31
H502 OMS B . 11.75 4.33 -11.24
H513 OMS B . 13.98 11.96 -5.64
H511 OMS B . 13.08 11.53 -6.87
H512 OMS B . 14.49 10.85 -6.65
H522 OMS B . 11.49 11.48 -4.98
H521 OMS B . 11.14 9.93 -4.65
H531 OMS B . 12.80 11.64 -3.13
H532 OMS B . 12.20 10.21 -2.66
H541 OMS B . 13.82 9.08 -3.77
H542 OMS B . 14.58 10.51 -3.98
H081 OMS B . 6.72 5.24 -5.83
H131 OMS B . 12.69 7.10 -7.83
H351 OMS B . 4.78 4.11 -7.87
ZN ZN C . 9.12 -2.45 16.00
C1 EDO D . 6.61 12.57 4.91
O1 EDO D . 6.81 13.35 3.73
C2 EDO D . 7.97 12.42 5.57
O2 EDO D . 8.84 11.86 4.58
H11 EDO D . 5.91 13.07 5.58
H12 EDO D . 6.19 11.60 4.66
HO1 EDO D . 7.48 12.92 3.17
H21 EDO D . 7.90 11.75 6.44
H22 EDO D . 8.34 13.38 5.91
HO2 EDO D . 9.64 11.52 5.00
C1 EDO E . 16.31 -1.55 19.32
O1 EDO E . 15.27 -2.23 18.62
C2 EDO E . 17.41 -1.17 18.35
O2 EDO E . 17.72 -2.31 17.53
H11 EDO E . 15.91 -0.64 19.80
H12 EDO E . 16.71 -2.19 20.11
HO1 EDO E . 14.41 -2.00 19.01
H21 EDO E . 17.09 -0.35 17.72
H22 EDO E . 18.31 -0.86 18.89
HO2 EDO E . 18.29 -2.04 16.79
C1 EDO F . -4.69 8.85 -13.40
O1 EDO F . -5.92 8.45 -14.02
C2 EDO F . -3.87 7.62 -13.09
O2 EDO F . -3.60 6.91 -14.31
H11 EDO F . -4.89 9.40 -12.48
H12 EDO F . -4.13 9.51 -14.07
HO1 EDO F . -6.54 9.19 -14.01
H21 EDO F . -4.42 6.97 -12.39
H22 EDO F . -2.93 7.90 -12.62
HO2 EDO F . -3.08 6.12 -14.12
C1 EDO G . -3.05 10.03 16.57
O1 EDO G . -3.76 10.73 17.60
C2 EDO G . -2.10 9.04 17.22
O2 EDO G . -1.90 7.92 16.35
H11 EDO G . -2.49 10.75 15.96
H12 EDO G . -3.75 9.52 15.92
HO1 EDO G . -4.47 10.16 17.94
H21 EDO G . -2.52 8.70 18.17
H22 EDO G . -1.13 9.52 17.42
HO2 EDO G . -1.41 7.24 16.80
C1 EDO H . -3.48 15.75 12.92
O1 EDO H . -4.00 16.20 14.17
C2 EDO H . -4.53 15.93 11.85
O2 EDO H . -5.11 17.24 12.01
H11 EDO H . -3.19 14.69 12.99
H12 EDO H . -2.58 16.31 12.67
HO1 EDO H . -3.41 15.94 14.88
H21 EDO H . -4.09 15.84 10.86
H22 EDO H . -5.31 15.17 11.94
HO2 EDO H . -6.07 17.18 11.94
C1 EDO I . 2.19 2.78 -13.95
O1 EDO I . 0.97 3.15 -13.29
C2 EDO I . 3.14 3.97 -13.99
O2 EDO I . 4.41 3.49 -14.44
H11 EDO I . 2.66 1.94 -13.42
H12 EDO I . 1.96 2.45 -14.97
HO1 EDO I . 0.25 2.59 -13.59
H21 EDO I . 3.24 4.40 -13.00
H22 EDO I . 2.77 4.73 -14.67
HO2 EDO I . 5.05 3.50 -13.71
C1 EDO J . 6.42 14.91 -2.41
O1 EDO J . 7.66 15.42 -2.89
C2 EDO J . 6.70 13.88 -1.32
O2 EDO J . 7.23 12.70 -1.94
H11 EDO J . 5.82 15.72 -2.00
H12 EDO J . 5.86 14.45 -3.23
HO1 EDO J . 7.51 16.01 -3.64
H21 EDO J . 5.77 13.64 -0.79
H22 EDO J . 7.40 14.29 -0.59
HO2 EDO J . 8.03 12.44 -1.47
S SO4 K . -3.43 14.71 -9.38
O1 SO4 K . -4.10 13.44 -9.07
O2 SO4 K . -3.68 15.68 -8.32
O3 SO4 K . -2.00 14.47 -9.50
O4 SO4 K . -3.94 15.21 -10.66
#